data_3QOK
#
_entry.id   3QOK
#
_cell.length_a   92.341
_cell.length_b   110.672
_cell.length_c   108.481
_cell.angle_alpha   90.00
_cell.angle_beta   90.00
_cell.angle_gamma   90.00
#
_symmetry.space_group_name_H-M   'C 2 2 21'
#
loop_
_entity.id
_entity.type
_entity.pdbx_description
1 polymer 'Putative chitinase II'
2 non-polymer GLYCEROL
3 water water
#
_entity_poly.entity_id   1
_entity_poly.type   'polypeptide(L)'
_entity_poly.pdbx_seq_one_letter_code
;SNA(MSE)KRLPLLAALPLLCASALSAQPL(MSE)SVGYFNGGGDVTAGPGGDIDKLDVRQITHLNYSFGLIYNDEKDET
NAALKDPAHLHEIWLSPKVQADLQKLPALRKQNPDLKVLLSVGGWGARGFSGAAATAESRAVFIRSAQKIIQQYGLDGID
LDWEFPVNGAWGLVASQPADRDNFTALLKSLREAVGEQKLVTIAVGANAESPKSWVDVKAVAPVLNYINL(MSE)TYD
(MSE)AYGTQYFNSNLYDSSHWPTVAAADKYSADFVVNNYLAAGLKPSQ(MSE)NLGIGFYGRVPKRAVEPGIDWTKADA
QNNPVTQPYFGPQQIALFASLGYDLSKDTYVKYNDIVGKLLNDPQKRFTEHWDDEAKVPWLSVQSAEGKPLFALSYENPR
SVAIKADYIKAKGLAGA(MSE)FWEYGADDQNQLARQLAESLGIKH
;
_entity_poly.pdbx_strand_id   A
#
# COMPACT_ATOMS: atom_id res chain seq x y z
N PRO A 25 13.33 -14.47 -14.29
CA PRO A 25 12.25 -15.03 -13.47
C PRO A 25 11.47 -13.94 -12.76
N LEU A 26 10.14 -14.08 -12.70
CA LEU A 26 9.28 -13.02 -12.15
C LEU A 26 9.04 -13.15 -10.66
N SER A 28 6.83 -12.33 -6.99
CA SER A 28 5.57 -12.07 -6.34
C SER A 28 5.83 -11.75 -4.87
N VAL A 29 5.67 -10.48 -4.51
CA VAL A 29 6.05 -10.00 -3.20
C VAL A 29 4.77 -9.77 -2.45
N GLY A 30 4.58 -10.53 -1.38
CA GLY A 30 3.36 -10.43 -0.59
C GLY A 30 3.60 -9.78 0.76
N TYR A 31 2.77 -8.81 1.10
CA TYR A 31 2.84 -8.19 2.43
C TYR A 31 2.04 -9.05 3.43
N PHE A 32 2.59 -9.22 4.63
CA PHE A 32 1.81 -9.79 5.74
C PHE A 32 1.75 -8.74 6.82
N ASN A 33 0.58 -8.18 7.04
CA ASN A 33 0.40 -7.23 8.13
C ASN A 33 0.23 -7.99 9.43
N GLY A 34 1.34 -8.43 9.99
CA GLY A 34 1.34 -9.17 11.23
C GLY A 34 1.20 -8.28 12.43
N GLY A 35 1.80 -7.10 12.37
CA GLY A 35 1.86 -6.23 13.56
C GLY A 35 0.64 -5.40 13.90
N GLY A 36 -0.21 -5.14 12.91
CA GLY A 36 -1.21 -4.08 12.99
C GLY A 36 -0.90 -3.02 11.94
N ASP A 37 -1.89 -2.18 11.64
CA ASP A 37 -1.75 -1.06 10.70
C ASP A 37 -2.89 -0.10 11.02
N VAL A 38 -2.81 1.17 10.59
CA VAL A 38 -3.86 2.16 10.93
C VAL A 38 -5.08 2.07 9.97
N THR A 39 -4.85 1.60 8.73
CA THR A 39 -5.96 1.33 7.80
C THR A 39 -6.60 -0.06 8.02
N ALA A 40 -5.79 -1.13 7.98
CA ALA A 40 -6.29 -2.52 8.16
C ALA A 40 -6.83 -2.80 9.58
N GLY A 41 -5.94 -2.99 10.56
CA GLY A 41 -6.32 -3.31 11.96
C GLY A 41 -5.38 -4.34 12.57
N PRO A 42 -5.70 -4.86 13.79
CA PRO A 42 -4.93 -5.92 14.49
C PRO A 42 -4.45 -7.06 13.57
N GLY A 43 -3.26 -7.61 13.86
CA GLY A 43 -2.57 -8.53 12.94
C GLY A 43 -3.03 -9.98 12.97
N GLY A 44 -2.74 -10.72 11.90
CA GLY A 44 -3.21 -12.10 11.73
C GLY A 44 -2.28 -13.17 12.29
N ASP A 45 -2.74 -14.42 12.22
CA ASP A 45 -1.99 -15.56 12.75
C ASP A 45 -0.95 -16.06 11.74
N ILE A 46 0.33 -15.95 12.12
CA ILE A 46 1.43 -16.40 11.25
C ILE A 46 1.60 -17.93 11.26
N ASP A 47 1.05 -18.62 12.27
CA ASP A 47 1.00 -20.08 12.27
C ASP A 47 0.08 -20.66 11.16
N LYS A 48 -0.79 -19.81 10.58
CA LYS A 48 -1.75 -20.26 9.58
C LYS A 48 -1.40 -19.70 8.21
N LEU A 49 -0.25 -19.03 8.11
CA LEU A 49 0.18 -18.41 6.85
C LEU A 49 0.74 -19.43 5.86
N ASP A 50 0.19 -19.39 4.64
CA ASP A 50 0.62 -20.24 3.52
C ASP A 50 1.47 -19.38 2.60
N VAL A 51 2.74 -19.76 2.41
CA VAL A 51 3.68 -18.94 1.63
C VAL A 51 4.26 -19.62 0.38
N ARG A 52 3.66 -20.72 -0.05
CA ARG A 52 4.18 -21.45 -1.22
C ARG A 52 4.01 -20.68 -2.52
N GLN A 53 3.05 -19.76 -2.55
CA GLN A 53 2.74 -18.99 -3.76
C GLN A 53 3.45 -17.65 -3.86
N ILE A 54 4.53 -17.42 -3.11
CA ILE A 54 5.29 -16.14 -3.25
C ILE A 54 6.79 -16.33 -3.27
N THR A 55 7.53 -15.33 -3.75
CA THR A 55 8.99 -15.41 -3.78
C THR A 55 9.61 -14.60 -2.64
N HIS A 56 8.93 -13.54 -2.22
CA HIS A 56 9.42 -12.64 -1.16
C HIS A 56 8.25 -12.27 -0.25
N LEU A 57 8.49 -12.19 1.05
CA LEU A 57 7.45 -11.78 2.00
C LEU A 57 7.90 -10.53 2.70
N ASN A 58 7.13 -9.45 2.61
CA ASN A 58 7.36 -8.30 3.48
C ASN A 58 6.53 -8.48 4.74
N TYR A 59 7.20 -8.73 5.85
CA TYR A 59 6.53 -8.72 7.15
C TYR A 59 6.39 -7.30 7.65
N SER A 60 5.17 -6.85 7.89
CA SER A 60 4.98 -5.44 8.26
C SER A 60 4.27 -5.33 9.60
N PHE A 61 4.64 -4.35 10.45
CA PHE A 61 5.59 -3.26 10.18
C PHE A 61 6.50 -3.04 11.37
N GLY A 62 7.78 -2.78 11.11
CA GLY A 62 8.64 -2.13 12.09
C GLY A 62 8.28 -0.64 12.09
N LEU A 63 8.32 -0.02 13.27
CA LEU A 63 8.07 1.38 13.41
C LEU A 63 9.35 2.07 13.89
N ILE A 64 9.35 3.41 13.94
CA ILE A 64 10.51 4.22 14.27
C ILE A 64 10.25 5.07 15.51
N TYR A 65 11.15 4.98 16.48
CA TYR A 65 11.17 5.88 17.61
C TYR A 65 11.28 7.28 17.09
N ASN A 66 10.48 8.21 17.62
CA ASN A 66 10.48 9.56 17.07
C ASN A 66 10.03 10.62 18.07
N ASP A 67 10.32 11.88 17.77
CA ASP A 67 9.93 12.99 18.68
C ASP A 67 8.91 13.92 18.05
N GLU A 68 8.20 13.41 17.05
CA GLU A 68 7.16 14.20 16.39
C GLU A 68 6.08 14.43 17.44
N LYS A 69 5.67 15.70 17.57
CA LYS A 69 4.81 16.17 18.65
C LYS A 69 3.46 15.47 18.66
N ASP A 70 3.00 15.00 17.50
CA ASP A 70 1.67 14.43 17.33
C ASP A 70 1.61 12.91 17.40
N GLU A 71 2.73 12.26 17.74
CA GLU A 71 2.75 10.80 17.89
C GLU A 71 1.89 10.38 19.07
N THR A 72 1.08 9.34 18.84
CA THR A 72 0.13 8.88 19.84
C THR A 72 0.54 7.57 20.52
N ASN A 73 1.50 6.85 19.94
CA ASN A 73 1.97 5.57 20.49
C ASN A 73 3.10 5.81 21.51
N ALA A 74 2.82 5.56 22.80
CA ALA A 74 3.81 5.88 23.86
C ALA A 74 5.12 5.09 23.74
N ALA A 75 5.08 3.86 23.24
CA ALA A 75 6.32 3.09 23.01
C ALA A 75 7.36 3.89 22.22
N LEU A 76 6.90 4.63 21.21
CA LEU A 76 7.80 5.29 20.26
C LEU A 76 8.36 6.62 20.72
N LYS A 77 7.83 7.17 21.82
CA LYS A 77 8.21 8.51 22.29
C LYS A 77 9.45 8.53 23.21
N ASP A 78 10.05 7.36 23.45
CA ASP A 78 11.24 7.22 24.30
C ASP A 78 12.44 7.97 23.75
N PRO A 79 12.80 9.10 24.37
CA PRO A 79 13.91 9.88 23.78
C PRO A 79 15.27 9.17 23.75
N ALA A 80 15.51 8.20 24.64
CA ALA A 80 16.81 7.54 24.70
C ALA A 80 17.08 6.59 23.50
N HIS A 81 16.03 6.23 22.76
CA HIS A 81 16.15 5.34 21.59
C HIS A 81 15.71 5.99 20.29
N LEU A 82 15.62 7.32 20.32
CA LEU A 82 15.25 8.10 19.16
C LEU A 82 16.00 7.62 17.87
N HIS A 83 15.23 7.50 16.78
CA HIS A 83 15.72 7.06 15.45
C HIS A 83 15.96 5.54 15.28
N GLU A 84 15.85 4.76 16.37
CA GLU A 84 15.97 3.31 16.23
C GLU A 84 14.62 2.74 15.77
N ILE A 85 14.65 1.45 15.39
CA ILE A 85 13.43 0.76 14.98
C ILE A 85 12.79 0.09 16.20
N TRP A 86 11.46 0.08 16.23
CA TRP A 86 10.72 -0.49 17.34
C TRP A 86 9.84 -1.63 16.89
N LEU A 87 10.13 -2.81 17.41
CA LEU A 87 9.37 -3.99 17.11
C LEU A 87 8.39 -4.27 18.25
N SER A 88 7.10 -4.12 17.95
CA SER A 88 6.07 -4.46 18.89
C SER A 88 6.19 -5.93 19.29
N PRO A 89 5.68 -6.29 20.47
CA PRO A 89 5.73 -7.66 20.94
C PRO A 89 5.20 -8.67 19.94
N LYS A 90 4.14 -8.32 19.22
CA LYS A 90 3.55 -9.26 18.26
C LYS A 90 4.53 -9.49 17.11
N VAL A 91 5.08 -8.39 16.58
CA VAL A 91 6.10 -8.47 15.53
C VAL A 91 7.27 -9.33 15.99
N GLN A 92 7.75 -9.12 17.21
CA GLN A 92 8.86 -9.91 17.78
C GLN A 92 8.52 -11.39 17.82
N ALA A 93 7.37 -11.69 18.40
CA ALA A 93 6.90 -13.05 18.50
C ALA A 93 6.80 -13.68 17.12
N ASP A 94 6.30 -12.93 16.14
CA ASP A 94 6.11 -13.48 14.79
C ASP A 94 7.44 -13.76 14.10
N LEU A 95 8.40 -12.85 14.18
CA LEU A 95 9.69 -13.02 13.50
C LEU A 95 10.48 -14.20 14.06
N GLN A 96 10.23 -14.58 15.32
CA GLN A 96 10.87 -15.76 15.91
C GLN A 96 10.40 -17.05 15.21
N LYS A 97 9.26 -16.98 14.52
CA LYS A 97 8.64 -18.15 13.87
C LYS A 97 9.00 -18.35 12.38
N LEU A 98 9.94 -17.54 11.86
CA LEU A 98 10.29 -17.62 10.44
C LEU A 98 10.84 -18.96 10.00
N PRO A 99 11.63 -19.64 10.84
CA PRO A 99 12.08 -20.97 10.43
C PRO A 99 10.98 -21.91 9.96
N ALA A 100 9.82 -21.91 10.61
CA ALA A 100 8.68 -22.74 10.17
C ALA A 100 8.15 -22.32 8.80
N LEU A 101 8.11 -21.01 8.54
CA LEU A 101 7.71 -20.49 7.24
C LEU A 101 8.63 -20.97 6.12
N ARG A 102 9.93 -20.91 6.37
CA ARG A 102 10.91 -21.33 5.38
C ARG A 102 10.87 -22.83 5.06
N LYS A 103 10.25 -23.64 5.93
CA LYS A 103 10.07 -25.08 5.66
C LYS A 103 9.00 -25.27 4.59
N GLN A 104 8.13 -24.28 4.44
CA GLN A 104 7.12 -24.30 3.39
C GLN A 104 7.74 -23.97 2.03
N ASN A 105 8.64 -22.97 2.02
CA ASN A 105 9.24 -22.43 0.79
C ASN A 105 10.72 -22.07 1.06
N PRO A 106 11.63 -23.03 0.83
CA PRO A 106 13.03 -22.78 1.16
C PRO A 106 13.74 -21.70 0.31
N ASP A 107 13.25 -21.41 -0.89
CA ASP A 107 13.81 -20.32 -1.72
C ASP A 107 13.35 -18.92 -1.28
N LEU A 108 12.32 -18.88 -0.44
CA LEU A 108 11.70 -17.63 -0.01
C LEU A 108 12.68 -16.66 0.64
N LYS A 109 12.51 -15.37 0.32
CA LYS A 109 13.21 -14.27 0.98
C LYS A 109 12.24 -13.54 1.89
N VAL A 110 12.68 -13.16 3.09
CA VAL A 110 11.82 -12.48 4.03
C VAL A 110 12.42 -11.12 4.41
N LEU A 111 11.64 -10.06 4.23
CA LEU A 111 12.08 -8.73 4.59
C LEU A 111 11.13 -8.14 5.65
N LEU A 112 11.66 -7.25 6.46
CA LEU A 112 10.83 -6.46 7.36
C LEU A 112 10.50 -5.15 6.63
N SER A 113 9.24 -4.78 6.62
CA SER A 113 8.87 -3.46 6.20
C SER A 113 8.88 -2.53 7.38
N VAL A 114 9.60 -1.42 7.26
CA VAL A 114 9.50 -0.38 8.25
C VAL A 114 8.71 0.75 7.64
N GLY A 115 7.73 1.24 8.38
CA GLY A 115 6.96 2.38 7.94
C GLY A 115 5.49 2.07 7.84
N GLY A 116 4.89 2.37 6.70
CA GLY A 116 3.48 2.12 6.48
C GLY A 116 2.70 3.41 6.61
N TRP A 117 1.46 3.41 6.17
CA TRP A 117 0.67 4.62 6.20
C TRP A 117 0.67 5.21 7.61
N GLY A 118 1.00 6.50 7.76
CA GLY A 118 0.93 7.16 9.07
C GLY A 118 2.11 6.97 10.01
N ALA A 119 3.03 6.07 9.67
CA ALA A 119 4.23 5.83 10.49
C ALA A 119 5.10 7.07 10.50
N ARG A 120 5.34 7.61 11.68
CA ARG A 120 6.16 8.79 11.81
C ARG A 120 7.60 8.40 11.99
N GLY A 121 8.48 9.38 11.91
CA GLY A 121 9.86 9.15 12.29
C GLY A 121 10.90 9.16 11.20
N PHE A 122 10.53 8.90 9.95
CA PHE A 122 11.53 8.86 8.90
C PHE A 122 12.21 10.22 8.70
N SER A 123 11.41 11.28 8.73
CA SER A 123 11.97 12.57 8.39
C SER A 123 13.15 12.87 9.30
N GLY A 124 12.97 12.60 10.60
CA GLY A 124 14.02 12.79 11.58
C GLY A 124 15.10 11.73 11.48
N ALA A 125 14.71 10.48 11.27
CA ALA A 125 15.70 9.39 11.16
C ALA A 125 16.70 9.66 10.03
N ALA A 126 16.19 10.17 8.89
CA ALA A 126 17.04 10.42 7.71
C ALA A 126 17.83 11.75 7.73
N ALA A 127 17.54 12.61 8.71
CA ALA A 127 17.97 14.02 8.64
C ALA A 127 19.49 14.26 8.67
N THR A 128 20.24 13.47 9.45
CA THR A 128 21.69 13.68 9.60
C THR A 128 22.48 12.38 9.47
N ALA A 129 23.78 12.51 9.21
CA ALA A 129 24.68 11.34 9.18
C ALA A 129 24.55 10.55 10.50
N GLU A 130 24.40 11.28 11.60
CA GLU A 130 24.26 10.70 12.94
C GLU A 130 22.92 9.95 13.11
N SER A 131 21.82 10.57 12.70
CA SER A 131 20.52 9.96 12.84
C SER A 131 20.40 8.69 11.97
N ARG A 132 20.98 8.76 10.78
CA ARG A 132 20.97 7.66 9.83
C ARG A 132 21.75 6.45 10.34
N ALA A 133 22.95 6.70 10.85
CA ALA A 133 23.77 5.67 11.45
C ALA A 133 22.98 4.93 12.53
N VAL A 134 22.25 5.64 13.38
CA VAL A 134 21.54 5.00 14.50
C VAL A 134 20.49 4.11 13.92
N PHE A 135 19.76 4.63 12.95
CA PHE A 135 18.73 3.85 12.23
C PHE A 135 19.31 2.62 11.56
N ILE A 136 20.41 2.82 10.84
CA ILE A 136 21.03 1.75 10.09
C ILE A 136 21.53 0.65 11.02
N ARG A 137 22.13 1.08 12.14
CA ARG A 137 22.68 0.15 13.16
C ARG A 137 21.57 -0.72 13.75
N SER A 138 20.42 -0.08 13.97
CA SER A 138 19.24 -0.71 14.51
C SER A 138 18.68 -1.75 13.54
N ALA A 139 18.67 -1.40 12.25
CA ALA A 139 18.24 -2.35 11.21
C ALA A 139 19.19 -3.55 11.13
N GLN A 140 20.50 -3.33 11.18
CA GLN A 140 21.44 -4.46 11.21
C GLN A 140 21.16 -5.46 12.35
N LYS A 141 20.94 -4.97 13.56
CA LYS A 141 20.69 -5.85 14.71
C LYS A 141 19.43 -6.68 14.51
N ILE A 142 18.40 -6.08 13.95
CA ILE A 142 17.16 -6.81 13.66
C ILE A 142 17.44 -7.91 12.60
N ILE A 143 18.14 -7.56 11.55
CA ILE A 143 18.45 -8.51 10.48
C ILE A 143 19.29 -9.69 10.97
N GLN A 144 20.43 -9.37 11.56
CA GLN A 144 21.26 -10.33 12.29
C GLN A 144 20.43 -11.26 13.18
N GLN A 145 19.56 -10.68 13.98
CA GLN A 145 18.91 -11.38 15.07
C GLN A 145 17.89 -12.36 14.59
N TYR A 146 17.03 -11.93 13.68
CA TYR A 146 15.94 -12.78 13.26
C TYR A 146 16.25 -13.64 12.02
N GLY A 147 17.40 -13.38 11.40
CA GLY A 147 17.82 -14.10 10.19
C GLY A 147 17.12 -13.63 8.92
N LEU A 148 16.75 -12.35 8.88
CA LEU A 148 16.04 -11.77 7.75
C LEU A 148 16.91 -11.73 6.52
N ASP A 149 16.29 -11.72 5.34
CA ASP A 149 17.01 -11.62 4.07
C ASP A 149 17.17 -10.20 3.62
N GLY A 150 16.42 -9.27 4.21
CA GLY A 150 16.55 -7.85 3.88
C GLY A 150 15.63 -6.90 4.62
N ILE A 151 15.60 -5.66 4.17
CA ILE A 151 14.76 -4.63 4.78
C ILE A 151 14.04 -3.83 3.71
N ASP A 152 12.82 -3.43 3.99
CA ASP A 152 12.03 -2.67 3.03
C ASP A 152 11.49 -1.42 3.72
N LEU A 153 11.78 -0.26 3.17
CA LEU A 153 11.39 1.01 3.76
C LEU A 153 10.13 1.51 3.11
N ASP A 154 9.10 1.85 3.89
CA ASP A 154 7.84 2.38 3.34
C ASP A 154 7.55 3.74 3.97
N TRP A 155 8.16 4.75 3.37
CA TRP A 155 8.04 6.09 3.90
C TRP A 155 6.93 6.77 3.14
N GLU A 156 5.84 7.06 3.84
CA GLU A 156 4.65 7.66 3.23
C GLU A 156 4.33 9.03 3.83
N PHE A 157 4.82 10.14 3.26
CA PHE A 157 5.85 10.15 2.20
C PHE A 157 6.84 11.28 2.44
N PRO A 158 8.04 11.16 1.87
CA PRO A 158 9.05 12.21 1.99
C PRO A 158 8.67 13.51 1.27
N VAL A 159 9.01 14.65 1.88
CA VAL A 159 8.72 16.00 1.38
C VAL A 159 7.25 16.34 1.58
N ASN A 160 6.38 15.51 1.03
CA ASN A 160 4.94 15.71 1.13
C ASN A 160 4.35 15.40 2.52
N GLY A 161 4.84 14.35 3.19
CA GLY A 161 4.42 14.03 4.56
C GLY A 161 2.98 13.55 4.63
N ALA A 162 2.54 12.89 3.57
CA ALA A 162 1.14 12.47 3.42
C ALA A 162 0.21 13.62 3.75
N TRP A 163 0.42 14.75 3.09
CA TRP A 163 -0.42 15.92 3.29
C TRP A 163 -0.49 16.35 4.78
N GLY A 164 0.65 16.28 5.48
CA GLY A 164 0.77 16.75 6.87
C GLY A 164 0.48 15.72 7.95
N LEU A 165 0.33 14.47 7.54
CA LEU A 165 0.07 13.40 8.48
C LEU A 165 1.35 13.04 9.29
N VAL A 166 2.49 13.06 8.61
CA VAL A 166 3.78 12.81 9.27
C VAL A 166 4.71 14.00 9.03
N ALA A 167 5.65 14.24 9.95
CA ALA A 167 6.63 15.31 9.75
C ALA A 167 7.34 15.14 8.41
N SER A 168 7.81 16.26 7.89
CA SER A 168 8.25 16.36 6.53
C SER A 168 9.10 17.59 6.37
N GLN A 169 9.97 17.59 5.35
CA GLN A 169 10.73 18.77 4.97
C GLN A 169 11.34 18.61 3.59
N PRO A 170 11.67 19.73 2.92
CA PRO A 170 12.23 19.64 1.56
C PRO A 170 13.50 18.77 1.46
N ALA A 171 14.30 18.73 2.51
CA ALA A 171 15.52 17.93 2.50
C ALA A 171 15.24 16.40 2.52
N ASP A 172 13.98 15.98 2.75
CA ASP A 172 13.71 14.56 2.86
C ASP A 172 14.17 13.79 1.62
N ARG A 173 14.03 14.40 0.47
CA ARG A 173 14.29 13.71 -0.77
C ARG A 173 15.74 13.30 -0.82
N ASP A 174 16.65 14.29 -0.78
CA ASP A 174 18.08 14.02 -0.81
C ASP A 174 18.54 13.25 0.44
N ASN A 175 17.83 13.42 1.56
CA ASN A 175 18.12 12.66 2.77
C ASN A 175 17.79 11.18 2.63
N PHE A 176 16.70 10.89 1.91
CA PHE A 176 16.30 9.52 1.68
C PHE A 176 17.34 8.81 0.84
N THR A 177 17.90 9.48 -0.17
CA THR A 177 19.03 8.93 -0.92
C THR A 177 20.23 8.59 -0.01
N ALA A 178 20.60 9.51 0.87
CA ALA A 178 21.74 9.28 1.74
C ALA A 178 21.51 8.06 2.64
N LEU A 179 20.29 7.91 3.14
CA LEU A 179 19.93 6.81 4.02
C LEU A 179 20.05 5.49 3.29
N LEU A 180 19.51 5.43 2.09
CA LEU A 180 19.54 4.21 1.31
C LEU A 180 20.97 3.83 0.87
N LYS A 181 21.80 4.82 0.55
CA LYS A 181 23.15 4.53 0.12
C LYS A 181 23.92 3.95 1.32
N SER A 182 23.77 4.60 2.47
CA SER A 182 24.46 4.18 3.69
C SER A 182 24.00 2.79 4.13
N LEU A 183 22.68 2.59 4.11
CA LEU A 183 22.08 1.30 4.40
C LEU A 183 22.57 0.18 3.49
N ARG A 184 22.81 0.49 2.22
CA ARG A 184 23.38 -0.48 1.31
C ARG A 184 24.83 -0.82 1.65
N GLU A 185 25.62 0.19 1.98
CA GLU A 185 27.03 -0.04 2.29
C GLU A 185 27.15 -0.81 3.59
N ALA A 186 26.22 -0.60 4.51
CA ALA A 186 26.26 -1.32 5.78
C ALA A 186 25.80 -2.77 5.62
N VAL A 187 24.65 -3.02 5.00
CA VAL A 187 24.16 -4.41 4.89
C VAL A 187 24.96 -5.25 3.91
N GLY A 188 25.59 -4.59 2.95
CA GLY A 188 26.40 -5.27 1.96
C GLY A 188 25.55 -5.69 0.79
N GLU A 189 26.14 -6.48 -0.10
CA GLU A 189 25.56 -6.74 -1.41
C GLU A 189 24.73 -8.04 -1.52
N GLN A 190 24.59 -8.81 -0.44
CA GLN A 190 23.77 -10.06 -0.48
C GLN A 190 22.41 -9.92 0.24
N LYS A 191 22.29 -8.93 1.12
CA LYS A 191 21.00 -8.62 1.74
C LYS A 191 20.12 -7.81 0.80
N LEU A 192 18.81 -7.89 0.96
CA LEU A 192 17.89 -7.15 0.13
C LEU A 192 17.57 -5.78 0.74
N VAL A 193 17.68 -4.72 -0.06
CA VAL A 193 17.18 -3.40 0.34
C VAL A 193 16.16 -2.96 -0.71
N THR A 194 14.94 -2.66 -0.27
CA THR A 194 13.87 -2.25 -1.19
C THR A 194 13.01 -1.09 -0.64
N ILE A 195 12.13 -0.52 -1.48
CA ILE A 195 11.19 0.50 -0.99
C ILE A 195 9.83 0.47 -1.67
N ALA A 196 8.82 1.03 -0.99
CA ALA A 196 7.54 1.31 -1.62
C ALA A 196 7.53 2.77 -2.05
N VAL A 197 6.86 3.04 -3.16
CA VAL A 197 6.66 4.42 -3.62
C VAL A 197 5.19 4.66 -4.06
N GLY A 198 4.74 5.90 -3.87
CA GLY A 198 3.35 6.27 -4.08
C GLY A 198 2.91 6.41 -5.51
N ALA A 199 1.60 6.27 -5.69
CA ALA A 199 0.98 6.52 -6.99
C ALA A 199 1.12 7.97 -7.43
N ASN A 200 1.23 8.91 -6.50
CA ASN A 200 1.06 10.31 -6.89
C ASN A 200 2.10 10.70 -7.91
N ALA A 201 1.66 11.38 -8.96
CA ALA A 201 2.52 11.84 -10.06
C ALA A 201 3.67 12.69 -9.52
N GLU A 202 3.48 13.31 -8.37
CA GLU A 202 4.46 14.21 -7.83
C GLU A 202 5.64 13.44 -7.21
N SER A 203 5.41 12.18 -6.84
CA SER A 203 6.45 11.36 -6.20
C SER A 203 7.79 11.19 -6.98
N PRO A 204 7.75 10.71 -8.24
CA PRO A 204 9.04 10.70 -8.96
C PRO A 204 9.58 12.11 -9.26
N LYS A 205 8.68 13.08 -9.41
CA LYS A 205 9.08 14.45 -9.73
C LYS A 205 9.81 15.11 -8.59
N SER A 206 9.39 14.90 -7.35
CA SER A 206 9.99 15.68 -6.27
C SER A 206 10.04 15.08 -4.86
N TRP A 207 9.55 13.86 -4.66
CA TRP A 207 9.61 13.22 -3.33
C TRP A 207 10.74 12.22 -3.20
N VAL A 208 10.94 11.40 -4.24
CA VAL A 208 11.97 10.38 -4.25
C VAL A 208 12.78 10.59 -5.51
N ASP A 209 14.10 10.58 -5.37
CA ASP A 209 15.00 10.65 -6.53
C ASP A 209 15.23 9.24 -7.06
N VAL A 210 14.43 8.89 -8.04
CA VAL A 210 14.37 7.53 -8.58
C VAL A 210 15.67 7.14 -9.30
N LYS A 211 16.21 8.03 -10.12
CA LYS A 211 17.47 7.73 -10.78
C LYS A 211 18.60 7.52 -9.77
N ALA A 212 18.60 8.27 -8.67
CA ALA A 212 19.70 8.21 -7.72
C ALA A 212 19.65 7.03 -6.77
N VAL A 213 18.48 6.43 -6.57
CA VAL A 213 18.31 5.33 -5.60
C VAL A 213 18.15 3.93 -6.23
N ALA A 214 17.72 3.87 -7.49
CA ALA A 214 17.66 2.59 -8.22
C ALA A 214 18.96 1.77 -8.21
N PRO A 215 20.12 2.43 -8.38
CA PRO A 215 21.35 1.64 -8.38
C PRO A 215 21.70 0.95 -7.05
N VAL A 216 21.16 1.41 -5.91
CA VAL A 216 21.44 0.74 -4.65
C VAL A 216 20.34 -0.21 -4.16
N LEU A 217 19.20 -0.24 -4.84
CA LEU A 217 18.07 -1.04 -4.37
C LEU A 217 17.88 -2.28 -5.26
N ASN A 218 17.33 -3.35 -4.71
CA ASN A 218 17.11 -4.55 -5.50
C ASN A 218 15.92 -4.41 -6.43
N TYR A 219 14.87 -3.79 -5.91
CA TYR A 219 13.70 -3.42 -6.71
C TYR A 219 12.81 -2.46 -5.93
N ILE A 220 11.91 -1.79 -6.62
CA ILE A 220 10.99 -0.85 -6.00
C ILE A 220 9.61 -1.40 -6.20
N ASN A 221 8.78 -1.30 -5.17
CA ASN A 221 7.38 -1.69 -5.27
C ASN A 221 6.53 -0.43 -5.49
N LEU A 222 5.70 -0.43 -6.54
CA LEU A 222 4.78 0.69 -6.79
C LEU A 222 3.47 0.47 -6.12
N THR A 224 0.33 0.96 -6.58
CA THR A 224 -0.62 1.31 -7.64
C THR A 224 -2.04 0.99 -7.24
N TYR A 225 -2.49 1.61 -6.16
CA TYR A 225 -3.88 1.51 -5.71
C TYR A 225 -4.19 2.72 -4.79
N ASP A 226 -5.33 2.69 -4.09
CA ASP A 226 -5.80 3.83 -3.27
C ASP A 226 -6.01 5.10 -4.12
N ALA A 228 -9.27 5.85 -5.20
CA ALA A 228 -10.69 6.18 -5.07
C ALA A 228 -10.91 7.39 -4.15
N TYR A 229 -10.30 8.49 -4.54
CA TYR A 229 -10.33 9.74 -3.78
C TYR A 229 -10.65 10.87 -4.71
N GLY A 230 -10.93 12.04 -4.13
CA GLY A 230 -11.32 13.21 -4.88
C GLY A 230 -12.55 12.90 -5.70
N THR A 231 -12.43 13.07 -7.02
CA THR A 231 -13.53 12.84 -7.93
C THR A 231 -13.44 11.51 -8.70
N GLN A 232 -12.49 10.65 -8.33
CA GLN A 232 -12.32 9.35 -9.00
C GLN A 232 -13.13 8.28 -8.30
N TYR A 233 -13.69 7.37 -9.09
CA TYR A 233 -14.48 6.26 -8.58
C TYR A 233 -13.66 5.01 -8.26
N PHE A 234 -12.69 4.69 -9.10
CA PHE A 234 -11.99 3.40 -9.01
C PHE A 234 -10.80 3.47 -8.12
N ASN A 235 -10.58 2.40 -7.36
CA ASN A 235 -9.46 2.37 -6.45
C ASN A 235 -8.18 1.89 -7.08
N SER A 236 -8.30 1.00 -8.07
CA SER A 236 -7.12 0.36 -8.63
C SER A 236 -7.33 -0.06 -10.09
N ASN A 237 -7.99 0.79 -10.87
CA ASN A 237 -8.16 0.59 -12.28
C ASN A 237 -6.83 0.53 -13.00
N LEU A 238 -6.70 -0.39 -13.97
CA LEU A 238 -5.51 -0.49 -14.79
C LEU A 238 -5.47 0.64 -15.79
N TYR A 239 -6.60 0.86 -16.46
CA TYR A 239 -6.71 1.94 -17.44
C TYR A 239 -7.87 2.83 -17.06
N ASP A 240 -8.09 3.93 -17.76
CA ASP A 240 -9.25 4.77 -17.47
C ASP A 240 -10.53 4.17 -18.05
N SER A 241 -11.66 4.52 -17.44
CA SER A 241 -12.96 4.13 -17.91
C SER A 241 -13.75 5.34 -18.39
N SER A 242 -14.37 5.21 -19.55
CA SER A 242 -15.27 6.23 -20.05
C SER A 242 -16.60 6.12 -19.35
N HIS A 243 -16.90 4.92 -18.84
CA HIS A 243 -18.16 4.67 -18.11
C HIS A 243 -18.27 5.42 -16.77
N TRP A 244 -17.16 5.50 -16.03
CA TRP A 244 -17.14 6.10 -14.70
C TRP A 244 -15.94 7.06 -14.59
N PRO A 245 -16.02 8.20 -15.26
CA PRO A 245 -14.83 9.05 -15.40
C PRO A 245 -14.59 9.95 -14.22
N THR A 246 -13.31 10.20 -13.99
CA THR A 246 -12.86 11.14 -13.01
C THR A 246 -13.05 12.53 -13.58
N VAL A 247 -13.42 13.49 -12.74
CA VAL A 247 -13.80 14.82 -13.21
C VAL A 247 -12.63 15.85 -13.20
N ALA A 248 -11.84 15.81 -12.14
CA ALA A 248 -10.77 16.78 -11.91
C ALA A 248 -9.48 16.15 -12.40
N ALA A 249 -8.74 16.89 -13.22
CA ALA A 249 -7.47 16.42 -13.78
C ALA A 249 -6.58 15.82 -12.71
N ALA A 250 -6.41 16.55 -11.61
CA ALA A 250 -5.48 16.13 -10.55
C ALA A 250 -5.86 14.81 -9.85
N ASP A 251 -7.12 14.40 -9.91
CA ASP A 251 -7.56 13.13 -9.32
C ASP A 251 -7.53 11.96 -10.30
N LYS A 252 -7.11 12.20 -11.54
CA LYS A 252 -7.21 11.19 -12.60
C LYS A 252 -6.03 10.23 -12.65
N TYR A 253 -6.23 9.00 -12.20
CA TYR A 253 -5.17 8.00 -12.08
C TYR A 253 -5.54 6.64 -12.65
N SER A 254 -4.53 5.83 -12.88
CA SER A 254 -4.70 4.45 -13.31
C SER A 254 -3.40 3.74 -13.02
N ALA A 255 -3.43 2.43 -12.83
CA ALA A 255 -2.16 1.72 -12.66
C ALA A 255 -1.23 2.02 -13.84
N ASP A 256 -1.75 2.04 -15.07
CA ASP A 256 -0.89 2.25 -16.25
C ASP A 256 -0.17 3.59 -16.20
N PHE A 257 -0.89 4.63 -15.76
CA PHE A 257 -0.37 5.99 -15.65
C PHE A 257 0.76 6.07 -14.66
N VAL A 258 0.56 5.47 -13.49
CA VAL A 258 1.63 5.43 -12.47
C VAL A 258 2.83 4.68 -13.04
N VAL A 259 2.63 3.51 -13.60
CA VAL A 259 3.73 2.77 -14.20
C VAL A 259 4.49 3.60 -15.24
N ASN A 260 3.78 4.38 -16.05
CA ASN A 260 4.44 5.23 -17.08
C ASN A 260 5.18 6.46 -16.50
N ASN A 261 4.64 7.04 -15.42
CA ASN A 261 5.28 8.15 -14.73
C ASN A 261 6.68 7.80 -14.20
N TYR A 262 6.81 6.59 -13.67
CA TYR A 262 8.11 6.14 -13.12
C TYR A 262 9.09 5.70 -14.22
N LEU A 263 8.58 5.14 -15.32
CA LEU A 263 9.44 4.84 -16.48
C LEU A 263 10.05 6.12 -17.04
N ALA A 264 9.22 7.14 -17.21
CA ALA A 264 9.66 8.48 -17.64
C ALA A 264 10.66 9.10 -16.66
N ALA A 265 10.55 8.71 -15.39
CA ALA A 265 11.42 9.21 -14.34
C ALA A 265 12.79 8.55 -14.36
N GLY A 266 12.90 7.41 -15.02
CA GLY A 266 14.17 6.73 -15.22
C GLY A 266 14.30 5.36 -14.60
N LEU A 267 13.23 4.85 -14.01
CA LEU A 267 13.23 3.52 -13.40
C LEU A 267 13.06 2.47 -14.50
N LYS A 268 14.00 1.54 -14.58
CA LYS A 268 13.97 0.46 -15.56
C LYS A 268 12.88 -0.48 -15.14
N PRO A 269 12.15 -1.07 -16.11
CA PRO A 269 11.00 -1.90 -15.78
C PRO A 269 11.36 -3.17 -15.00
N SER A 270 12.51 -3.76 -15.28
CA SER A 270 12.90 -4.98 -14.57
C SER A 270 13.31 -4.71 -13.10
N GLN A 271 13.15 -3.47 -12.64
CA GLN A 271 13.48 -3.08 -11.26
C GLN A 271 12.25 -2.67 -10.48
N ASN A 273 8.13 -3.54 -9.40
CA ASN A 273 7.01 -4.46 -9.18
C ASN A 273 5.71 -3.70 -9.15
N LEU A 274 4.67 -4.27 -9.77
CA LEU A 274 3.36 -3.62 -9.83
C LEU A 274 2.56 -4.04 -8.63
N GLY A 275 2.15 -3.07 -7.81
CA GLY A 275 1.43 -3.34 -6.57
C GLY A 275 -0.02 -3.59 -6.87
N ILE A 276 -0.61 -4.55 -6.17
CA ILE A 276 -2.01 -4.92 -6.31
C ILE A 276 -2.65 -4.98 -4.90
N GLY A 277 -3.79 -4.35 -4.72
CA GLY A 277 -4.50 -4.37 -3.46
C GLY A 277 -5.55 -5.46 -3.43
N PHE A 278 -5.52 -6.31 -2.42
CA PHE A 278 -6.52 -7.35 -2.31
C PHE A 278 -7.66 -6.81 -1.48
N TYR A 279 -8.12 -5.62 -1.86
CA TYR A 279 -9.22 -4.97 -1.18
C TYR A 279 -9.89 -3.98 -2.08
N GLY A 280 -10.99 -3.40 -1.62
CA GLY A 280 -11.65 -2.33 -2.33
C GLY A 280 -11.75 -1.10 -1.46
N ARG A 281 -12.19 -0.01 -2.08
CA ARG A 281 -12.56 1.18 -1.32
C ARG A 281 -13.87 1.79 -1.79
N VAL A 282 -14.65 2.28 -0.83
CA VAL A 282 -15.74 3.18 -1.17
C VAL A 282 -15.12 4.52 -1.56
N PRO A 283 -15.45 5.03 -2.75
CA PRO A 283 -14.88 6.31 -3.21
C PRO A 283 -15.36 7.50 -2.39
N LYS A 284 -14.47 8.40 -2.04
CA LYS A 284 -14.85 9.64 -1.33
C LYS A 284 -15.99 10.42 -2.03
N ARG A 285 -16.04 10.29 -3.33
CA ARG A 285 -17.01 10.99 -4.14
C ARG A 285 -18.46 10.57 -3.80
N ALA A 286 -18.63 9.38 -3.25
CA ALA A 286 -19.96 8.93 -2.82
C ALA A 286 -20.45 9.66 -1.55
N VAL A 287 -19.53 10.16 -0.74
CA VAL A 287 -19.84 10.68 0.58
C VAL A 287 -19.46 12.15 0.82
N GLU A 288 -18.43 12.63 0.12
CA GLU A 288 -17.94 14.01 0.24
C GLU A 288 -18.08 14.68 -1.12
N PRO A 289 -18.36 16.00 -1.16
CA PRO A 289 -18.28 16.78 -2.41
C PRO A 289 -16.86 16.83 -2.98
N GLY A 290 -16.71 16.67 -4.28
CA GLY A 290 -15.41 16.65 -4.93
C GLY A 290 -14.96 18.04 -5.39
N ILE A 291 -13.73 18.40 -5.04
CA ILE A 291 -13.16 19.69 -5.38
C ILE A 291 -12.16 19.56 -6.50
N ASP A 292 -12.17 20.51 -7.41
CA ASP A 292 -11.09 20.70 -8.35
C ASP A 292 -10.29 21.88 -7.83
N TRP A 293 -9.08 21.58 -7.33
CA TRP A 293 -8.28 22.54 -6.59
C TRP A 293 -7.69 23.65 -7.45
N THR A 294 -7.72 23.47 -8.77
CA THR A 294 -7.30 24.51 -9.73
C THR A 294 -8.37 25.58 -10.06
N LYS A 295 -9.39 25.74 -9.21
CA LYS A 295 -10.44 26.74 -9.40
C LYS A 295 -10.44 27.79 -8.29
N ALA A 296 -10.96 28.98 -8.60
CA ALA A 296 -11.06 30.03 -7.59
C ALA A 296 -12.04 29.58 -6.49
N ASP A 297 -11.72 29.97 -5.26
CA ASP A 297 -12.48 29.59 -4.06
C ASP A 297 -12.87 28.11 -4.06
N ALA A 298 -12.00 27.27 -4.65
CA ALA A 298 -12.31 25.88 -4.95
C ALA A 298 -13.14 25.18 -3.89
N GLN A 299 -12.82 25.43 -2.63
CA GLN A 299 -13.32 24.62 -1.50
C GLN A 299 -14.84 24.73 -1.27
N ASN A 300 -15.44 25.88 -1.61
CA ASN A 300 -16.90 26.03 -1.50
C ASN A 300 -17.64 25.82 -2.84
N ASN A 301 -16.89 25.52 -3.90
CA ASN A 301 -17.43 25.45 -5.23
C ASN A 301 -17.10 24.11 -5.88
N PRO A 302 -17.72 23.03 -5.38
CA PRO A 302 -17.40 21.67 -5.80
C PRO A 302 -17.82 21.29 -7.23
N VAL A 303 -17.16 20.30 -7.81
CA VAL A 303 -17.53 19.82 -9.14
C VAL A 303 -18.41 18.56 -9.12
N THR A 304 -18.27 17.72 -8.09
CA THR A 304 -19.17 16.60 -7.93
C THR A 304 -19.93 16.74 -6.62
N GLN A 305 -21.01 15.99 -6.52
CA GLN A 305 -21.83 15.96 -5.31
C GLN A 305 -22.02 14.52 -4.84
N PRO A 306 -22.08 14.32 -3.53
CA PRO A 306 -22.25 12.99 -2.99
C PRO A 306 -23.62 12.42 -3.31
N TYR A 307 -23.69 11.09 -3.33
CA TYR A 307 -24.93 10.39 -3.63
C TYR A 307 -25.28 9.34 -2.61
N PHE A 308 -24.50 9.21 -1.53
CA PHE A 308 -24.91 8.35 -0.40
C PHE A 308 -25.74 9.17 0.58
N GLY A 309 -26.93 8.70 0.87
CA GLY A 309 -27.73 9.29 1.92
C GLY A 309 -27.47 8.53 3.21
N PRO A 310 -28.09 9.01 4.31
CA PRO A 310 -27.91 8.37 5.59
C PRO A 310 -28.18 6.88 5.53
N GLN A 311 -29.12 6.46 4.69
CA GLN A 311 -29.48 5.03 4.64
C GLN A 311 -28.42 4.12 4.03
N GLN A 312 -27.67 4.62 3.05
CA GLN A 312 -26.52 3.92 2.55
C GLN A 312 -25.35 3.97 3.55
N ILE A 313 -25.22 5.05 4.31
CA ILE A 313 -24.24 5.10 5.39
C ILE A 313 -24.60 4.13 6.49
N ALA A 314 -25.88 3.97 6.77
CA ALA A 314 -26.34 3.00 7.77
C ALA A 314 -26.08 1.55 7.33
N LEU A 315 -26.17 1.28 6.04
CA LEU A 315 -25.99 -0.06 5.51
C LEU A 315 -24.56 -0.52 5.78
N PHE A 316 -23.61 0.36 5.48
CA PHE A 316 -22.19 0.08 5.74
C PHE A 316 -21.90 -0.02 7.22
N ALA A 317 -22.48 0.90 8.00
CA ALA A 317 -22.32 0.88 9.46
C ALA A 317 -22.76 -0.47 10.01
N SER A 318 -23.88 -1.00 9.50
CA SER A 318 -24.41 -2.24 10.02
C SER A 318 -23.52 -3.44 9.69
N LEU A 319 -22.58 -3.29 8.76
CA LEU A 319 -21.60 -4.36 8.46
C LEU A 319 -20.23 -4.11 9.09
N GLY A 320 -20.16 -3.13 9.99
CA GLY A 320 -18.94 -2.77 10.71
C GLY A 320 -18.02 -1.84 9.93
N TYR A 321 -18.58 -0.91 9.16
CA TYR A 321 -17.81 0.08 8.41
C TYR A 321 -18.34 1.48 8.71
N ASP A 322 -17.51 2.28 9.36
CA ASP A 322 -17.83 3.66 9.64
C ASP A 322 -17.21 4.47 8.52
N LEU A 323 -18.01 4.99 7.59
CA LEU A 323 -17.45 5.64 6.38
C LEU A 323 -16.88 7.06 6.64
N SER A 324 -17.15 7.63 7.79
CA SER A 324 -16.46 8.85 8.15
C SER A 324 -15.05 8.59 8.72
N LYS A 325 -14.71 7.33 9.03
CA LYS A 325 -13.39 6.99 9.57
C LYS A 325 -12.49 6.34 8.53
N ASP A 326 -13.07 5.45 7.71
CA ASP A 326 -12.28 4.77 6.68
C ASP A 326 -13.18 4.10 5.64
N THR A 327 -12.61 3.83 4.47
CA THR A 327 -13.36 3.36 3.33
C THR A 327 -12.84 2.01 2.83
N TYR A 328 -11.98 1.37 3.60
CA TYR A 328 -11.27 0.15 3.22
C TYR A 328 -12.07 -1.09 3.51
N VAL A 329 -12.28 -1.91 2.48
CA VAL A 329 -12.94 -3.20 2.65
C VAL A 329 -12.08 -4.34 2.12
N LYS A 330 -11.73 -5.29 2.96
CA LYS A 330 -10.84 -6.35 2.50
C LYS A 330 -11.58 -7.40 1.69
N TYR A 331 -10.85 -8.00 0.74
CA TYR A 331 -11.42 -8.93 -0.21
C TYR A 331 -12.20 -10.05 0.45
N ASN A 332 -11.69 -10.60 1.55
CA ASN A 332 -12.40 -11.70 2.17
C ASN A 332 -13.70 -11.24 2.81
N ASP A 333 -13.80 -9.96 3.16
CA ASP A 333 -15.09 -9.39 3.61
C ASP A 333 -16.00 -9.04 2.43
N ILE A 334 -15.42 -8.53 1.35
CA ILE A 334 -16.19 -8.37 0.11
C ILE A 334 -16.87 -9.70 -0.27
N VAL A 335 -16.13 -10.79 -0.29
CA VAL A 335 -16.75 -12.08 -0.62
C VAL A 335 -17.72 -12.53 0.46
N GLY A 336 -17.29 -12.49 1.71
CA GLY A 336 -18.09 -13.05 2.81
C GLY A 336 -19.33 -12.25 3.16
N LYS A 337 -19.17 -10.94 3.34
CA LYS A 337 -20.22 -10.07 3.88
C LYS A 337 -21.06 -9.41 2.80
N LEU A 338 -20.44 -9.06 1.67
CA LEU A 338 -21.11 -8.29 0.63
C LEU A 338 -21.67 -9.18 -0.51
N LEU A 339 -20.79 -9.88 -1.22
CA LEU A 339 -21.26 -10.75 -2.29
C LEU A 339 -22.16 -11.82 -1.74
N ASN A 340 -21.85 -12.36 -0.56
CA ASN A 340 -22.68 -13.41 0.02
C ASN A 340 -23.67 -12.92 1.08
N ASP A 341 -23.94 -11.62 1.08
CA ASP A 341 -25.03 -11.02 1.82
C ASP A 341 -26.35 -11.77 1.61
N PRO A 342 -26.94 -12.32 2.69
CA PRO A 342 -28.27 -12.95 2.49
C PRO A 342 -29.39 -11.99 1.97
N GLN A 343 -29.23 -10.68 2.21
CA GLN A 343 -30.17 -9.67 1.66
C GLN A 343 -29.77 -9.18 0.28
N LYS A 344 -28.63 -9.67 -0.21
CA LYS A 344 -28.15 -9.36 -1.57
C LYS A 344 -28.24 -7.88 -1.88
N ARG A 345 -27.71 -7.07 -0.98
CA ARG A 345 -27.85 -5.65 -1.11
C ARG A 345 -26.77 -5.03 -1.99
N PHE A 346 -25.77 -5.83 -2.38
CA PHE A 346 -24.65 -5.42 -3.24
C PHE A 346 -24.62 -6.26 -4.51
N THR A 347 -24.60 -5.61 -5.67
CA THR A 347 -24.64 -6.30 -6.95
C THR A 347 -23.29 -6.13 -7.69
N GLU A 348 -22.76 -7.25 -8.18
CA GLU A 348 -21.49 -7.31 -8.85
C GLU A 348 -21.55 -6.78 -10.29
N HIS A 349 -20.55 -5.98 -10.63
CA HIS A 349 -20.38 -5.49 -11.98
C HIS A 349 -18.94 -5.63 -12.36
N TRP A 350 -18.71 -5.46 -13.66
CA TRP A 350 -17.42 -5.53 -14.26
C TRP A 350 -17.25 -4.35 -15.20
N ASP A 351 -16.14 -3.63 -15.11
CA ASP A 351 -15.84 -2.56 -16.07
C ASP A 351 -14.75 -3.03 -17.02
N ASP A 352 -15.08 -3.20 -18.29
CA ASP A 352 -14.10 -3.77 -19.20
C ASP A 352 -13.10 -2.73 -19.75
N GLU A 353 -13.27 -1.46 -19.40
CA GLU A 353 -12.31 -0.43 -19.78
C GLU A 353 -11.28 -0.30 -18.67
N ALA A 354 -11.78 -0.09 -17.45
CA ALA A 354 -10.95 -0.12 -16.24
C ALA A 354 -10.35 -1.49 -15.87
N LYS A 355 -10.95 -2.59 -16.31
CA LYS A 355 -10.47 -3.96 -16.01
C LYS A 355 -10.57 -4.37 -14.53
N VAL A 356 -11.49 -3.76 -13.80
CA VAL A 356 -11.73 -4.15 -12.42
C VAL A 356 -13.23 -4.34 -12.16
N PRO A 357 -13.57 -5.17 -11.17
CA PRO A 357 -14.97 -5.30 -10.78
C PRO A 357 -15.38 -4.17 -9.84
N TRP A 358 -16.67 -3.96 -9.70
CA TRP A 358 -17.17 -3.00 -8.74
C TRP A 358 -18.57 -3.43 -8.31
N LEU A 359 -19.01 -2.88 -7.18
CA LEU A 359 -20.30 -3.22 -6.60
C LEU A 359 -21.23 -2.04 -6.55
N SER A 360 -22.53 -2.28 -6.74
CA SER A 360 -23.52 -1.23 -6.61
C SER A 360 -24.40 -1.53 -5.41
N VAL A 361 -25.01 -0.49 -4.85
CA VAL A 361 -26.08 -0.66 -3.87
C VAL A 361 -27.28 0.11 -4.33
N GLN A 362 -28.45 -0.24 -3.84
CA GLN A 362 -29.67 0.37 -4.32
C GLN A 362 -29.88 1.73 -3.68
N SER A 363 -30.26 2.71 -4.49
CA SER A 363 -30.73 4.01 -4.02
C SER A 363 -32.13 3.87 -3.45
N ALA A 364 -32.63 4.95 -2.83
CA ALA A 364 -34.00 4.98 -2.27
C ALA A 364 -35.02 4.71 -3.37
N GLU A 365 -34.72 5.25 -4.55
CA GLU A 365 -35.67 5.26 -5.64
C GLU A 365 -35.48 4.05 -6.58
N GLY A 366 -34.59 3.11 -6.21
CA GLY A 366 -34.45 1.82 -6.93
C GLY A 366 -33.21 1.61 -7.79
N LYS A 367 -32.43 2.66 -8.03
CA LYS A 367 -31.31 2.63 -8.98
C LYS A 367 -29.94 2.28 -8.32
N PRO A 368 -29.03 1.64 -9.10
CA PRO A 368 -27.72 1.29 -8.58
C PRO A 368 -26.86 2.51 -8.34
N LEU A 369 -26.09 2.50 -7.26
CA LEU A 369 -25.15 3.54 -6.98
C LEU A 369 -23.82 2.82 -6.88
N PHE A 370 -22.76 3.47 -7.34
CA PHE A 370 -21.44 2.90 -7.37
C PHE A 370 -20.95 2.90 -5.93
N ALA A 371 -20.65 1.71 -5.38
CA ALA A 371 -20.28 1.57 -3.95
C ALA A 371 -18.79 1.33 -3.69
N LEU A 372 -18.17 0.45 -4.46
CA LEU A 372 -16.73 0.27 -4.37
C LEU A 372 -16.20 -0.53 -5.54
N SER A 373 -14.97 -0.22 -5.94
CA SER A 373 -14.22 -1.07 -6.84
C SER A 373 -13.26 -1.90 -5.99
N TYR A 374 -12.82 -3.04 -6.51
CA TYR A 374 -11.88 -3.93 -5.83
C TYR A 374 -11.21 -4.82 -6.85
N GLU A 375 -10.56 -5.89 -6.42
CA GLU A 375 -9.89 -6.82 -7.33
C GLU A 375 -10.42 -8.20 -7.06
N ASN A 376 -10.68 -8.94 -8.14
CA ASN A 376 -11.04 -10.35 -8.06
C ASN A 376 -10.10 -11.17 -8.93
N PRO A 377 -10.31 -12.49 -9.03
CA PRO A 377 -9.40 -13.28 -9.84
C PRO A 377 -9.19 -12.80 -11.28
N ARG A 378 -10.23 -12.30 -11.90
CA ARG A 378 -10.17 -11.88 -13.29
C ARG A 378 -9.27 -10.64 -13.44
N SER A 379 -9.49 -9.65 -12.57
CA SER A 379 -8.71 -8.43 -12.58
C SER A 379 -7.26 -8.69 -12.27
N VAL A 380 -7.01 -9.60 -11.34
CA VAL A 380 -5.64 -9.96 -10.94
C VAL A 380 -4.95 -10.68 -12.07
N ALA A 381 -5.69 -11.51 -12.80
CA ALA A 381 -5.08 -12.18 -13.98
C ALA A 381 -4.73 -11.13 -15.03
N ILE A 382 -5.61 -10.15 -15.24
CA ILE A 382 -5.37 -9.13 -16.25
C ILE A 382 -4.13 -8.31 -15.91
N LYS A 383 -3.91 -8.02 -14.65
CA LYS A 383 -2.72 -7.27 -14.27
C LYS A 383 -1.48 -8.14 -14.36
N ALA A 384 -1.62 -9.43 -14.06
CA ALA A 384 -0.55 -10.40 -14.28
C ALA A 384 -0.12 -10.33 -15.73
N ASP A 385 -1.09 -10.39 -16.64
CA ASP A 385 -0.83 -10.23 -18.08
C ASP A 385 -0.07 -8.97 -18.44
N TYR A 386 -0.47 -7.87 -17.84
CA TYR A 386 0.10 -6.58 -18.13
C TYR A 386 1.56 -6.56 -17.65
N ILE A 387 1.77 -7.08 -16.44
CA ILE A 387 3.13 -7.29 -15.94
C ILE A 387 3.99 -8.01 -16.99
N LYS A 388 3.50 -9.14 -17.50
CA LYS A 388 4.21 -9.91 -18.54
C LYS A 388 4.46 -9.09 -19.80
N ALA A 389 3.41 -8.46 -20.33
CA ALA A 389 3.51 -7.69 -21.56
C ALA A 389 4.47 -6.52 -21.40
N LYS A 390 4.30 -5.76 -20.33
CA LYS A 390 5.10 -4.56 -20.13
C LYS A 390 6.53 -4.86 -19.67
N GLY A 391 6.84 -6.12 -19.38
CA GLY A 391 8.19 -6.50 -18.96
C GLY A 391 8.62 -6.03 -17.58
N LEU A 392 7.67 -5.90 -16.66
CA LEU A 392 7.98 -5.53 -15.28
C LEU A 392 8.62 -6.72 -14.57
N ALA A 393 9.14 -6.47 -13.36
CA ALA A 393 9.86 -7.48 -12.56
C ALA A 393 8.91 -8.46 -11.86
N GLY A 394 7.66 -8.05 -11.70
CA GLY A 394 6.77 -8.84 -10.88
C GLY A 394 5.62 -8.05 -10.33
N ALA A 395 5.05 -8.61 -9.27
CA ALA A 395 3.88 -8.09 -8.61
C ALA A 395 4.19 -7.96 -7.14
N PHE A 397 1.71 -7.46 -3.51
CA PHE A 397 0.33 -7.32 -3.08
C PHE A 397 0.15 -6.98 -1.61
N TRP A 398 -0.89 -6.20 -1.33
CA TRP A 398 -1.27 -5.89 0.02
C TRP A 398 -2.66 -6.40 0.18
N GLU A 399 -2.90 -7.41 1.03
CA GLU A 399 -1.92 -8.15 1.81
C GLU A 399 -2.57 -9.49 2.19
N TYR A 400 -1.80 -10.42 2.73
CA TYR A 400 -2.32 -11.76 3.03
C TYR A 400 -3.56 -11.74 3.90
N GLY A 401 -3.55 -10.93 4.93
CA GLY A 401 -4.70 -10.78 5.81
C GLY A 401 -6.01 -10.39 5.17
N ALA A 402 -6.00 -9.75 4.00
CA ALA A 402 -7.26 -9.34 3.33
C ALA A 402 -7.75 -10.34 2.29
N ASP A 403 -6.94 -11.36 1.98
CA ASP A 403 -7.26 -12.35 0.95
C ASP A 403 -8.18 -13.43 1.52
N ASP A 404 -8.84 -14.19 0.63
CA ASP A 404 -9.76 -15.29 1.02
C ASP A 404 -9.12 -16.64 0.76
N GLN A 405 -8.59 -17.25 1.81
CA GLN A 405 -7.94 -18.55 1.66
C GLN A 405 -6.88 -18.53 0.55
N ASN A 406 -6.16 -17.42 0.45
CA ASN A 406 -5.10 -17.21 -0.56
C ASN A 406 -5.55 -17.24 -2.04
N GLN A 407 -6.84 -17.05 -2.27
CA GLN A 407 -7.41 -17.14 -3.62
C GLN A 407 -6.70 -16.20 -4.62
N LEU A 408 -6.54 -14.93 -4.26
CA LEU A 408 -5.91 -13.97 -5.18
C LEU A 408 -4.39 -14.19 -5.25
N ALA A 409 -3.79 -14.56 -4.14
CA ALA A 409 -2.38 -14.88 -4.15
C ALA A 409 -2.10 -16.00 -5.17
N ARG A 410 -2.98 -17.00 -5.20
CA ARG A 410 -2.83 -18.17 -6.07
C ARG A 410 -3.08 -17.77 -7.49
N GLN A 411 -4.12 -16.99 -7.73
CA GLN A 411 -4.37 -16.55 -9.09
C GLN A 411 -3.15 -15.81 -9.63
N LEU A 412 -2.58 -14.96 -8.80
CA LEU A 412 -1.47 -14.14 -9.22
C LEU A 412 -0.28 -15.00 -9.55
N ALA A 413 -0.05 -16.07 -8.79
CA ALA A 413 1.06 -16.99 -9.04
C ALA A 413 0.80 -17.85 -10.30
N GLU A 414 -0.36 -18.51 -10.39
CA GLU A 414 -0.80 -19.19 -11.61
C GLU A 414 -0.48 -18.27 -12.80
N SER A 415 -1.03 -17.06 -12.80
CA SER A 415 -0.98 -16.18 -13.98
C SER A 415 0.39 -15.60 -14.29
N LEU A 416 1.25 -15.46 -13.28
CA LEU A 416 2.60 -14.98 -13.53
C LEU A 416 3.56 -16.09 -13.97
N GLY A 417 3.27 -17.34 -13.65
CA GLY A 417 4.13 -18.46 -14.02
C GLY A 417 5.17 -18.83 -12.97
N ILE A 418 4.84 -18.60 -11.71
CA ILE A 418 5.80 -18.82 -10.63
C ILE A 418 5.90 -20.32 -10.21
#